data_4AJC
#
_entry.id   4AJC
#
_cell.length_a   103.715
_cell.length_b   103.715
_cell.length_c   149.577
_cell.angle_alpha   90.00
_cell.angle_beta   90.00
_cell.angle_gamma   90.00
#
_symmetry.space_group_name_H-M   'P 43 21 2'
#
loop_
_entity.id
_entity.type
_entity.pdbx_description
1 polymer 'NADP ISOCITRATE DEHYDROGENASE'
2 non-polymer "ADENOSINE-2'-5'-DIPHOSPHATE"
3 non-polymer '2-OXOGLUTARIC ACID'
4 non-polymer 'CALCIUM ION'
5 non-polymer 'SULFATE ION'
6 water water
#
_entity_poly.entity_id   1
_entity_poly.type   'polypeptide(L)'
_entity_poly.pdbx_seq_one_letter_code
;MESKVVVPAQGKKITLQNGKLNVPENPIIPYIEGDGIGVDVTPAMLKVVDAAVEKAYKGERKISWMEIYTGEKSTQVYGQ
DVWLPAETLDLIREYRVAIMGPLTTPVGGGIRSLNVALRQELDLYICLRPVRYYQGTPSPVKHPELTDMVIFRENSEDIY
AGIEWKADSADAEKVIKFLREEMGVKKIRFPEHCGIGIKPCSEEGTKRLVRAAIEYAIANDRDSVTLVHKGNIMKFTEGA
FKDWGYQLAREEFGGELIDGGPWLKVKNPNTGKEIVIKDVIADAFLQQILLRPAEYDVIACMNLNGDYISDALAAQVGGI
GIAPGANIGDECALFEATHGTAPKYAGQDKVNPGSIILSAEMMLRHMGWTEAADLIVKGMEGAINAKTVTYDFERLMDGA
KLLKCSEFGDAIIENM
;
_entity_poly.pdbx_strand_id   A
#
# COMPACT_ATOMS: atom_id res chain seq x y z
N GLU A 2 -27.00 1.18 -15.95
CA GLU A 2 -27.05 -0.22 -16.38
C GLU A 2 -25.73 -0.95 -16.10
N SER A 3 -25.66 -1.68 -14.99
CA SER A 3 -24.41 -2.34 -14.64
C SER A 3 -23.93 -3.34 -15.67
N LYS A 4 -22.62 -3.41 -15.88
CA LYS A 4 -22.03 -4.46 -16.70
C LYS A 4 -21.25 -5.42 -15.81
N VAL A 5 -21.48 -5.32 -14.50
CA VAL A 5 -20.87 -6.25 -13.58
C VAL A 5 -21.76 -7.48 -13.41
N VAL A 6 -21.14 -8.66 -13.42
CA VAL A 6 -21.85 -9.91 -13.21
C VAL A 6 -21.56 -10.54 -11.86
N VAL A 7 -22.55 -10.56 -10.98
CA VAL A 7 -22.38 -11.22 -9.69
C VAL A 7 -22.31 -12.72 -9.90
N PRO A 8 -21.23 -13.37 -9.41
CA PRO A 8 -21.10 -14.82 -9.62
C PRO A 8 -22.27 -15.59 -9.01
N ALA A 9 -22.80 -16.57 -9.75
CA ALA A 9 -23.95 -17.36 -9.27
C ALA A 9 -23.61 -18.18 -8.02
N GLN A 10 -22.48 -18.85 -8.05
CA GLN A 10 -21.93 -19.50 -6.87
C GLN A 10 -21.11 -18.44 -6.13
N GLY A 11 -21.28 -18.33 -4.83
CA GLY A 11 -20.53 -17.33 -4.09
C GLY A 11 -21.35 -16.51 -3.13
N LYS A 12 -20.70 -16.09 -2.06
CA LYS A 12 -21.38 -15.44 -0.95
C LYS A 12 -20.55 -14.22 -0.56
N LYS A 13 -21.22 -13.16 -0.13
CA LYS A 13 -20.49 -11.97 0.26
C LYS A 13 -19.89 -12.05 1.67
N ILE A 14 -18.65 -11.58 1.79
CA ILE A 14 -17.98 -11.46 3.08
C ILE A 14 -18.76 -10.45 3.90
N THR A 15 -18.83 -10.67 5.21
CA THR A 15 -19.53 -9.72 6.07
C THR A 15 -18.60 -9.19 7.16
N LEU A 16 -18.97 -8.05 7.75
CA LEU A 16 -18.20 -7.45 8.82
C LEU A 16 -19.07 -7.37 10.06
N GLN A 17 -18.63 -8.06 11.10
CA GLN A 17 -19.38 -8.11 12.35
CA GLN A 17 -19.38 -8.15 12.35
C GLN A 17 -18.50 -7.69 13.51
N ASN A 18 -18.68 -6.44 13.92
CA ASN A 18 -17.92 -5.88 15.03
C ASN A 18 -16.41 -5.90 14.76
N GLY A 19 -15.99 -5.19 13.71
CA GLY A 19 -14.59 -5.09 13.35
C GLY A 19 -13.95 -6.43 12.98
N LYS A 20 -14.78 -7.45 12.79
CA LYS A 20 -14.26 -8.77 12.46
C LYS A 20 -14.90 -9.25 11.16
N LEU A 21 -14.05 -9.56 10.18
CA LEU A 21 -14.52 -10.10 8.90
C LEU A 21 -15.05 -11.51 9.08
N ASN A 22 -16.23 -11.77 8.53
CA ASN A 22 -16.75 -13.13 8.43
C ASN A 22 -16.67 -13.59 6.99
N VAL A 23 -15.72 -14.49 6.72
CA VAL A 23 -15.43 -14.92 5.37
C VAL A 23 -15.99 -16.31 5.14
N PRO A 24 -16.93 -16.45 4.20
CA PRO A 24 -17.48 -17.77 3.88
C PRO A 24 -16.47 -18.56 3.07
N GLU A 25 -16.73 -19.84 2.83
CA GLU A 25 -15.78 -20.66 2.09
C GLU A 25 -15.81 -20.37 0.59
N ASN A 26 -16.83 -19.64 0.17
CA ASN A 26 -16.99 -19.26 -1.24
C ASN A 26 -17.17 -17.74 -1.39
N PRO A 27 -16.18 -16.97 -0.93
CA PRO A 27 -16.36 -15.51 -0.95
C PRO A 27 -16.26 -14.94 -2.36
N ILE A 28 -17.05 -13.91 -2.61
CA ILE A 28 -16.95 -13.17 -3.85
C ILE A 28 -15.90 -12.08 -3.67
N ILE A 29 -14.91 -12.06 -4.54
CA ILE A 29 -13.86 -11.03 -4.48
C ILE A 29 -13.89 -10.19 -5.76
N PRO A 30 -14.25 -8.91 -5.63
CA PRO A 30 -14.17 -8.05 -6.81
C PRO A 30 -12.71 -7.84 -7.18
N TYR A 31 -12.42 -7.83 -8.47
CA TYR A 31 -11.08 -7.46 -8.87
C TYR A 31 -11.12 -6.52 -10.06
N ILE A 32 -10.17 -5.60 -10.10
CA ILE A 32 -10.01 -4.69 -11.23
C ILE A 32 -8.78 -5.13 -11.99
N GLU A 33 -8.97 -5.49 -13.25
CA GLU A 33 -7.88 -6.06 -14.04
C GLU A 33 -6.66 -5.16 -14.04
N GLY A 34 -6.90 -3.86 -14.21
CA GLY A 34 -5.81 -2.89 -14.35
C GLY A 34 -5.49 -2.61 -15.81
N ASP A 35 -4.96 -1.42 -16.07
CA ASP A 35 -4.61 -1.03 -17.43
C ASP A 35 -3.20 -1.44 -17.77
N GLY A 36 -2.78 -1.22 -19.01
CA GLY A 36 -1.46 -1.64 -19.45
C GLY A 36 -1.15 -3.09 -19.07
N ILE A 37 -0.08 -3.31 -18.31
CA ILE A 37 0.35 -4.67 -18.00
C ILE A 37 -0.58 -5.41 -17.04
N GLY A 38 -1.61 -4.74 -16.55
CA GLY A 38 -2.66 -5.41 -15.82
C GLY A 38 -3.17 -6.64 -16.57
N VAL A 39 -3.16 -6.56 -17.91
CA VAL A 39 -3.65 -7.68 -18.73
C VAL A 39 -2.75 -8.89 -18.59
N ASP A 40 -1.49 -8.65 -18.21
CA ASP A 40 -0.53 -9.71 -18.03
C ASP A 40 -0.50 -10.21 -16.57
N VAL A 41 -0.53 -9.30 -15.62
CA VAL A 41 -0.26 -9.71 -14.25
C VAL A 41 -1.50 -10.23 -13.56
N THR A 42 -2.65 -9.68 -13.91
CA THR A 42 -3.86 -10.09 -13.23
C THR A 42 -4.18 -11.59 -13.44
N PRO A 43 -4.16 -12.07 -14.69
CA PRO A 43 -4.42 -13.50 -14.87
C PRO A 43 -3.37 -14.38 -14.18
N ALA A 44 -2.11 -13.93 -14.11
CA ALA A 44 -1.11 -14.67 -13.35
C ALA A 44 -1.51 -14.72 -11.88
N MET A 45 -2.00 -13.60 -11.37
CA MET A 45 -2.44 -13.53 -9.98
C MET A 45 -3.65 -14.43 -9.72
N LEU A 46 -4.65 -14.40 -10.60
CA LEU A 46 -5.83 -15.24 -10.43
C LEU A 46 -5.45 -16.72 -10.34
N LYS A 47 -4.59 -17.16 -11.26
CA LYS A 47 -4.18 -18.55 -11.29
C LYS A 47 -3.41 -18.94 -10.03
N VAL A 48 -2.43 -18.11 -9.65
CA VAL A 48 -1.60 -18.38 -8.48
C VAL A 48 -2.45 -18.39 -7.21
N VAL A 49 -3.41 -17.46 -7.09
CA VAL A 49 -4.25 -17.45 -5.92
C VAL A 49 -5.14 -18.70 -5.87
N ASP A 50 -5.77 -19.04 -6.99
CA ASP A 50 -6.64 -20.22 -7.00
C ASP A 50 -5.88 -21.48 -6.60
N ALA A 51 -4.65 -21.60 -7.09
CA ALA A 51 -3.81 -22.73 -6.75
C ALA A 51 -3.51 -22.80 -5.25
N ALA A 52 -3.11 -21.69 -4.66
CA ALA A 52 -2.76 -21.69 -3.23
C ALA A 52 -3.99 -22.02 -2.37
N VAL A 53 -5.12 -21.46 -2.76
CA VAL A 53 -6.35 -21.69 -2.01
C VAL A 53 -6.76 -23.16 -2.11
N GLU A 54 -6.63 -23.69 -3.32
CA GLU A 54 -6.99 -25.06 -3.59
C GLU A 54 -6.07 -26.02 -2.83
N LYS A 55 -4.78 -25.74 -2.85
CA LYS A 55 -3.84 -26.59 -2.15
C LYS A 55 -4.00 -26.47 -0.62
N ALA A 56 -4.26 -25.28 -0.11
CA ALA A 56 -4.32 -25.09 1.33
C ALA A 56 -5.50 -25.82 1.95
N TYR A 57 -6.65 -25.75 1.30
CA TYR A 57 -7.89 -26.21 1.91
C TYR A 57 -8.52 -27.39 1.15
N LYS A 58 -7.73 -27.99 0.25
CA LYS A 58 -8.13 -29.18 -0.51
C LYS A 58 -9.54 -29.08 -1.09
N GLY A 59 -9.81 -27.96 -1.74
CA GLY A 59 -11.07 -27.77 -2.44
C GLY A 59 -12.23 -27.30 -1.57
N GLU A 60 -12.05 -27.29 -0.25
CA GLU A 60 -13.13 -26.83 0.63
C GLU A 60 -13.47 -25.37 0.42
N ARG A 61 -12.46 -24.58 0.03
CA ARG A 61 -12.68 -23.16 -0.22
C ARG A 61 -12.33 -22.79 -1.65
N LYS A 62 -13.01 -21.78 -2.17
CA LYS A 62 -12.79 -21.28 -3.51
C LYS A 62 -13.29 -19.85 -3.60
N ILE A 63 -12.46 -18.98 -4.19
CA ILE A 63 -12.86 -17.60 -4.42
C ILE A 63 -13.70 -17.49 -5.68
N SER A 64 -14.81 -16.77 -5.59
CA SER A 64 -15.57 -16.42 -6.80
C SER A 64 -15.18 -15.02 -7.28
N TRP A 65 -14.26 -14.96 -8.23
CA TRP A 65 -13.79 -13.68 -8.76
C TRP A 65 -14.87 -12.94 -9.53
N MET A 66 -15.03 -11.66 -9.24
CA MET A 66 -15.99 -10.80 -9.94
C MET A 66 -15.29 -9.55 -10.51
N GLU A 67 -15.19 -9.46 -11.84
CA GLU A 67 -14.54 -8.30 -12.44
C GLU A 67 -15.36 -7.02 -12.25
N ILE A 68 -14.70 -6.00 -11.70
CA ILE A 68 -15.23 -4.64 -11.68
C ILE A 68 -14.24 -3.71 -12.39
N TYR A 69 -14.62 -2.44 -12.56
CA TYR A 69 -13.88 -1.57 -13.48
C TYR A 69 -13.48 -0.22 -12.91
N THR A 70 -12.27 0.19 -13.28
CA THR A 70 -11.78 1.53 -13.02
C THR A 70 -10.62 1.76 -13.96
N GLY A 71 -10.50 2.98 -14.46
CA GLY A 71 -9.40 3.34 -15.34
C GLY A 71 -9.76 3.26 -16.80
N GLU A 72 -8.73 3.14 -17.64
CA GLU A 72 -8.93 3.07 -19.08
C GLU A 72 -9.98 2.03 -19.49
N LYS A 73 -9.91 0.83 -18.92
CA LYS A 73 -10.86 -0.23 -19.27
C LYS A 73 -12.29 0.14 -18.90
N SER A 74 -12.45 0.89 -17.82
CA SER A 74 -13.78 1.35 -17.47
C SER A 74 -14.40 2.22 -18.58
N THR A 75 -13.60 3.07 -19.22
CA THR A 75 -14.13 3.88 -20.32
C THR A 75 -14.56 2.99 -21.50
N GLN A 76 -13.81 1.93 -21.77
CA GLN A 76 -14.19 0.99 -22.83
C GLN A 76 -15.47 0.23 -22.47
N VAL A 77 -15.74 0.07 -21.19
CA VAL A 77 -16.88 -0.71 -20.74
C VAL A 77 -18.12 0.15 -20.52
N TYR A 78 -17.97 1.27 -19.83
CA TYR A 78 -19.12 2.09 -19.46
C TYR A 78 -19.24 3.35 -20.31
N GLY A 79 -18.26 3.57 -21.19
CA GLY A 79 -18.28 4.74 -22.03
C GLY A 79 -17.31 5.85 -21.68
N GLN A 80 -17.32 6.84 -22.56
CA GLN A 80 -16.38 7.95 -22.65
C GLN A 80 -15.76 8.52 -21.37
N ASP A 81 -16.56 9.16 -20.53
CA ASP A 81 -15.94 9.84 -19.38
CA ASP A 81 -16.00 9.85 -19.37
C ASP A 81 -16.08 9.02 -18.09
N VAL A 82 -16.28 7.71 -18.22
CA VAL A 82 -16.43 6.87 -17.04
C VAL A 82 -15.13 6.22 -16.58
N TRP A 83 -14.31 6.97 -15.84
CA TRP A 83 -13.01 6.46 -15.39
C TRP A 83 -13.13 5.70 -14.07
N LEU A 84 -14.10 6.11 -13.27
CA LEU A 84 -14.34 5.51 -11.97
C LEU A 84 -15.83 5.53 -11.71
N PRO A 85 -16.52 4.45 -12.10
CA PRO A 85 -17.98 4.34 -11.98
C PRO A 85 -18.40 4.27 -10.52
N ALA A 86 -19.48 4.98 -10.18
CA ALA A 86 -20.03 4.93 -8.83
C ALA A 86 -20.15 3.49 -8.30
N GLU A 87 -20.54 2.55 -9.16
CA GLU A 87 -20.81 1.21 -8.68
C GLU A 87 -19.54 0.54 -8.15
N THR A 88 -18.40 0.86 -8.74
CA THR A 88 -17.13 0.32 -8.27
C THR A 88 -16.93 0.66 -6.79
N LEU A 89 -17.21 1.90 -6.42
CA LEU A 89 -17.14 2.29 -5.01
C LEU A 89 -18.13 1.50 -4.15
N ASP A 90 -19.36 1.36 -4.65
CA ASP A 90 -20.39 0.64 -3.90
C ASP A 90 -20.01 -0.83 -3.74
N LEU A 91 -19.50 -1.41 -4.81
CA LEU A 91 -19.18 -2.83 -4.82
C LEU A 91 -18.01 -3.17 -3.90
N ILE A 92 -16.97 -2.35 -3.92
CA ILE A 92 -15.83 -2.59 -3.04
C ILE A 92 -16.27 -2.52 -1.58
N ARG A 93 -17.04 -1.49 -1.24
CA ARG A 93 -17.61 -1.36 0.10
C ARG A 93 -18.52 -2.54 0.45
N GLU A 94 -19.36 -2.97 -0.49
CA GLU A 94 -20.33 -4.04 -0.21
C GLU A 94 -19.62 -5.39 0.01
N TYR A 95 -18.61 -5.67 -0.81
CA TYR A 95 -17.94 -6.96 -0.74
C TYR A 95 -16.70 -6.97 0.16
N ARG A 96 -16.37 -5.82 0.73
CA ARG A 96 -15.38 -5.73 1.82
C ARG A 96 -13.91 -5.96 1.44
N VAL A 97 -13.65 -6.86 0.50
CA VAL A 97 -12.28 -7.17 0.11
C VAL A 97 -12.15 -7.22 -1.40
N ALA A 98 -11.17 -6.49 -1.93
CA ALA A 98 -10.96 -6.43 -3.38
C ALA A 98 -9.49 -6.22 -3.72
N ILE A 99 -9.15 -6.47 -4.98
CA ILE A 99 -7.77 -6.32 -5.44
C ILE A 99 -7.78 -5.68 -6.82
N MET A 100 -6.69 -4.99 -7.17
CA MET A 100 -6.61 -4.33 -8.47
C MET A 100 -5.20 -4.32 -9.05
N GLY A 101 -5.12 -4.32 -10.39
CA GLY A 101 -3.89 -4.08 -11.12
C GLY A 101 -3.56 -2.59 -11.12
N PRO A 102 -2.56 -2.17 -11.90
CA PRO A 102 -2.22 -0.74 -12.02
C PRO A 102 -3.28 0.04 -12.80
N LEU A 103 -3.48 1.31 -12.46
CA LEU A 103 -4.50 2.13 -13.11
C LEU A 103 -3.92 3.27 -13.94
N THR A 104 -4.55 3.54 -15.08
CA THR A 104 -4.20 4.71 -15.88
C THR A 104 -5.11 5.89 -15.54
N THR A 105 -4.50 6.95 -15.01
CA THR A 105 -5.18 8.22 -14.83
C THR A 105 -4.86 9.08 -16.05
N PRO A 106 -5.88 9.58 -16.75
CA PRO A 106 -5.61 10.32 -17.99
C PRO A 106 -5.03 11.71 -17.70
N VAL A 107 -4.32 12.25 -18.69
CA VAL A 107 -3.71 13.58 -18.60
C VAL A 107 -4.39 14.50 -19.62
N GLY A 108 -4.61 15.75 -19.24
CA GLY A 108 -5.25 16.71 -20.12
C GLY A 108 -6.73 16.97 -19.84
N GLY A 109 -7.32 16.17 -18.95
CA GLY A 109 -8.73 16.28 -18.66
C GLY A 109 -9.07 16.73 -17.25
N GLY A 110 -8.09 17.28 -16.53
CA GLY A 110 -8.30 17.67 -15.15
C GLY A 110 -8.72 16.55 -14.20
N ILE A 111 -8.46 15.29 -14.57
CA ILE A 111 -8.77 14.15 -13.68
C ILE A 111 -7.59 13.91 -12.74
N ARG A 112 -7.87 13.79 -11.45
CA ARG A 112 -6.82 13.47 -10.48
C ARG A 112 -6.65 11.95 -10.27
N SER A 113 -5.44 11.55 -9.86
CA SER A 113 -5.12 10.15 -9.57
C SER A 113 -6.30 9.26 -9.19
N LEU A 114 -6.60 8.26 -10.01
CA LEU A 114 -7.69 7.34 -9.70
C LEU A 114 -7.36 6.50 -8.47
N ASN A 115 -6.08 6.21 -8.26
CA ASN A 115 -5.65 5.50 -7.06
C ASN A 115 -6.01 6.27 -5.82
N VAL A 116 -5.68 7.57 -5.83
CA VAL A 116 -5.98 8.43 -4.69
C VAL A 116 -7.49 8.59 -4.52
N ALA A 117 -8.20 8.77 -5.63
CA ALA A 117 -9.67 8.84 -5.59
C ALA A 117 -10.26 7.64 -4.88
N LEU A 118 -9.80 6.45 -5.24
CA LEU A 118 -10.32 5.23 -4.63
C LEU A 118 -10.07 5.24 -3.12
N ARG A 119 -8.85 5.61 -2.74
CA ARG A 119 -8.43 5.64 -1.33
C ARG A 119 -9.25 6.65 -0.55
N GLN A 120 -9.35 7.87 -1.08
CA GLN A 120 -10.07 8.91 -0.36
C GLN A 120 -11.57 8.63 -0.29
N GLU A 121 -12.14 8.21 -1.41
CA GLU A 121 -13.57 8.00 -1.54
C GLU A 121 -14.07 6.88 -0.63
N LEU A 122 -13.27 5.82 -0.51
CA LEU A 122 -13.61 4.73 0.40
C LEU A 122 -13.02 4.94 1.79
N ASP A 123 -12.32 6.05 1.99
CA ASP A 123 -11.73 6.32 3.31
C ASP A 123 -10.82 5.17 3.75
N LEU A 124 -10.03 4.66 2.82
CA LEU A 124 -9.05 3.64 3.13
C LEU A 124 -7.79 4.33 3.67
N TYR A 125 -7.82 4.69 4.95
CA TYR A 125 -6.88 5.65 5.53
C TYR A 125 -5.50 5.07 5.82
N ILE A 126 -5.38 3.76 5.75
CA ILE A 126 -4.10 3.08 5.89
C ILE A 126 -3.59 2.60 4.54
N CYS A 127 -2.42 3.08 4.14
CA CYS A 127 -1.71 2.48 3.03
C CYS A 127 -0.65 1.58 3.65
N LEU A 128 -0.78 0.27 3.46
CA LEU A 128 0.07 -0.69 4.15
C LEU A 128 1.05 -1.29 3.17
N ARG A 129 2.33 -1.04 3.39
CA ARG A 129 3.37 -1.50 2.49
C ARG A 129 4.45 -2.21 3.28
N PRO A 130 4.39 -3.53 3.31
CA PRO A 130 5.46 -4.31 3.96
C PRO A 130 6.62 -4.43 2.98
N VAL A 131 7.85 -4.35 3.50
CA VAL A 131 9.02 -4.49 2.66
C VAL A 131 10.02 -5.45 3.31
N ARG A 132 10.29 -6.56 2.62
CA ARG A 132 11.25 -7.54 3.07
C ARG A 132 12.07 -7.95 1.88
N TYR A 133 13.14 -8.70 2.14
CA TYR A 133 14.00 -9.19 1.08
C TYR A 133 13.65 -10.63 0.73
N TYR A 134 13.62 -10.96 -0.55
CA TYR A 134 13.52 -12.35 -0.96
C TYR A 134 14.90 -12.84 -1.36
N GLN A 135 15.43 -13.82 -0.62
CA GLN A 135 16.75 -14.39 -0.92
CA GLN A 135 16.75 -14.38 -0.92
C GLN A 135 16.84 -14.69 -2.40
N GLY A 136 17.88 -14.17 -3.04
CA GLY A 136 18.06 -14.42 -4.47
C GLY A 136 17.71 -13.25 -5.37
N THR A 137 17.11 -12.22 -4.78
CA THR A 137 16.73 -11.04 -5.54
C THR A 137 17.98 -10.18 -5.76
N PRO A 138 18.26 -9.81 -7.02
CA PRO A 138 19.39 -8.90 -7.25
C PRO A 138 19.06 -7.53 -6.67
N SER A 139 19.92 -7.03 -5.76
CA SER A 139 19.73 -5.75 -5.09
C SER A 139 20.92 -4.85 -5.34
N PRO A 140 20.72 -3.53 -5.32
CA PRO A 140 21.87 -2.62 -5.50
C PRO A 140 22.63 -2.36 -4.22
N VAL A 141 22.14 -2.86 -3.09
CA VAL A 141 22.80 -2.65 -1.82
C VAL A 141 23.46 -3.94 -1.31
N LYS A 142 24.44 -3.79 -0.42
CA LYS A 142 25.24 -4.91 0.04
C LYS A 142 24.44 -5.87 0.91
N HIS A 143 23.63 -5.33 1.81
CA HIS A 143 22.93 -6.20 2.76
C HIS A 143 21.42 -6.01 2.78
N PRO A 144 20.75 -6.31 1.65
CA PRO A 144 19.30 -6.09 1.57
C PRO A 144 18.54 -6.95 2.59
N GLU A 145 19.16 -8.03 3.04
CA GLU A 145 18.49 -8.94 3.96
C GLU A 145 18.25 -8.29 5.32
N LEU A 146 18.92 -7.19 5.59
CA LEU A 146 18.72 -6.50 6.87
C LEU A 146 17.43 -5.68 6.91
N THR A 147 16.76 -5.59 5.76
CA THR A 147 15.52 -4.80 5.64
C THR A 147 14.28 -5.65 5.85
N ASP A 148 13.53 -5.36 6.91
CA ASP A 148 12.29 -6.08 7.19
C ASP A 148 11.38 -5.09 7.87
N MET A 149 10.67 -4.30 7.07
CA MET A 149 9.88 -3.23 7.63
C MET A 149 8.42 -3.28 7.17
N VAL A 150 7.56 -2.55 7.86
CA VAL A 150 6.14 -2.48 7.52
C VAL A 150 5.74 -1.03 7.62
N ILE A 151 5.41 -0.44 6.47
CA ILE A 151 5.04 0.97 6.44
C ILE A 151 3.54 1.15 6.56
N PHE A 152 3.15 1.91 7.59
CA PHE A 152 1.79 2.44 7.70
C PHE A 152 1.81 3.88 7.24
N ARG A 153 1.34 4.11 6.03
CA ARG A 153 1.34 5.45 5.44
C ARG A 153 -0.07 6.02 5.52
N GLU A 154 -0.21 7.20 6.11
CA GLU A 154 -1.49 7.86 6.25
C GLU A 154 -2.04 8.19 4.87
N ASN A 155 -3.28 7.81 4.60
CA ASN A 155 -3.78 7.80 3.23
C ASN A 155 -4.85 8.84 2.94
N SER A 156 -5.26 9.62 3.93
CA SER A 156 -6.47 10.43 3.76
C SER A 156 -6.24 11.93 3.86
N GLU A 157 -5.06 12.35 4.31
CA GLU A 157 -4.74 13.76 4.49
C GLU A 157 -3.46 14.13 3.76
N ASP A 158 -2.76 15.13 4.30
CA ASP A 158 -1.49 15.62 3.75
C ASP A 158 -1.68 16.40 2.44
N ILE A 159 -0.60 16.99 1.94
CA ILE A 159 -0.60 17.73 0.68
C ILE A 159 -1.10 16.83 -0.45
N TYR A 160 -1.03 15.51 -0.20
CA TYR A 160 -1.46 14.50 -1.15
C TYR A 160 -2.97 14.57 -1.41
N ALA A 161 -3.69 15.34 -0.61
CA ALA A 161 -5.14 15.36 -0.72
C ALA A 161 -5.66 16.15 -1.93
N GLY A 162 -4.75 16.82 -2.64
CA GLY A 162 -5.09 17.53 -3.86
C GLY A 162 -5.86 18.85 -3.70
N ILE A 163 -5.55 19.60 -2.66
CA ILE A 163 -6.12 20.93 -2.49
C ILE A 163 -5.09 21.98 -2.94
N GLU A 164 -5.38 22.64 -4.06
CA GLU A 164 -4.42 23.56 -4.67
C GLU A 164 -5.06 24.38 -5.78
N TRP A 165 -4.44 25.51 -6.12
CA TRP A 165 -4.93 26.37 -7.19
C TRP A 165 -3.78 26.79 -8.09
N LYS A 166 -4.07 26.84 -9.39
CA LYS A 166 -3.08 27.14 -10.41
C LYS A 166 -2.63 28.61 -10.36
N ALA A 167 -1.35 28.83 -10.59
CA ALA A 167 -0.79 30.18 -10.68
C ALA A 167 -1.59 31.03 -11.66
N ASP A 168 -1.84 32.28 -11.28
CA ASP A 168 -2.59 33.23 -12.11
C ASP A 168 -4.10 32.97 -12.20
N SER A 169 -4.57 31.86 -11.64
CA SER A 169 -6.02 31.61 -11.57
C SER A 169 -6.67 32.59 -10.61
N ALA A 170 -7.96 32.88 -10.83
CA ALA A 170 -8.67 33.80 -9.95
C ALA A 170 -8.68 33.31 -8.49
N ASP A 171 -8.85 32.00 -8.32
CA ASP A 171 -8.81 31.39 -6.99
C ASP A 171 -7.45 31.54 -6.30
N ALA A 172 -6.37 31.27 -7.03
CA ALA A 172 -5.03 31.41 -6.46
C ALA A 172 -4.89 32.81 -5.93
N GLU A 173 -5.19 33.78 -6.79
CA GLU A 173 -5.10 35.20 -6.43
C GLU A 173 -5.88 35.49 -5.16
N LYS A 174 -7.09 34.92 -5.10
CA LYS A 174 -8.00 35.09 -3.97
C LYS A 174 -7.43 34.50 -2.68
N VAL A 175 -6.89 33.27 -2.77
CA VAL A 175 -6.29 32.65 -1.59
C VAL A 175 -5.07 33.44 -1.10
N ILE A 176 -4.23 33.88 -2.04
CA ILE A 176 -3.03 34.60 -1.67
C ILE A 176 -3.36 35.96 -1.04
N LYS A 177 -4.40 36.60 -1.56
CA LYS A 177 -4.89 37.84 -0.99
C LYS A 177 -5.31 37.61 0.45
N PHE A 178 -6.17 36.62 0.64
CA PHE A 178 -6.61 36.28 1.98
C PHE A 178 -5.41 36.06 2.93
N LEU A 179 -4.40 35.33 2.45
CA LEU A 179 -3.31 34.95 3.33
C LEU A 179 -2.47 36.19 3.73
N ARG A 180 -2.17 37.01 2.73
CA ARG A 180 -1.31 38.16 2.97
C ARG A 180 -2.04 39.24 3.75
N GLU A 181 -3.29 39.50 3.39
CA GLU A 181 -4.03 40.62 3.98
C GLU A 181 -4.81 40.24 5.23
N GLU A 182 -5.40 39.05 5.25
CA GLU A 182 -6.19 38.66 6.41
C GLU A 182 -5.39 37.85 7.44
N MET A 183 -4.47 37.02 6.97
CA MET A 183 -3.66 36.21 7.88
C MET A 183 -2.29 36.83 8.18
N GLY A 184 -1.96 37.91 7.48
CA GLY A 184 -0.69 38.58 7.72
C GLY A 184 0.52 37.73 7.35
N VAL A 185 0.35 36.88 6.34
CA VAL A 185 1.46 36.04 5.86
C VAL A 185 2.48 36.90 5.14
N LYS A 186 3.72 36.84 5.59
CA LYS A 186 4.81 37.64 5.03
C LYS A 186 5.81 36.80 4.23
N LYS A 187 5.76 35.47 4.38
CA LYS A 187 6.84 34.62 3.88
C LYS A 187 6.63 33.98 2.51
N ILE A 188 5.63 34.45 1.77
CA ILE A 188 5.49 34.08 0.36
C ILE A 188 6.45 34.92 -0.47
N ARG A 189 7.49 34.29 -1.01
CA ARG A 189 8.58 35.02 -1.63
C ARG A 189 8.12 35.76 -2.88
N PHE A 190 7.40 35.07 -3.75
CA PHE A 190 6.87 35.64 -4.98
C PHE A 190 5.35 35.41 -5.03
N PRO A 191 4.57 36.42 -4.62
CA PRO A 191 3.11 36.31 -4.54
C PRO A 191 2.41 36.31 -5.90
N GLU A 192 3.11 36.75 -6.95
CA GLU A 192 2.54 36.71 -8.30
C GLU A 192 2.93 35.44 -9.04
N HIS A 193 2.08 35.03 -9.97
CA HIS A 193 2.32 33.82 -10.77
C HIS A 193 2.71 32.69 -9.85
N CYS A 194 1.88 32.47 -8.83
CA CYS A 194 2.24 31.60 -7.76
C CYS A 194 1.14 30.58 -7.51
N GLY A 195 1.48 29.30 -7.63
CA GLY A 195 0.58 28.22 -7.24
C GLY A 195 0.59 28.02 -5.73
N ILE A 196 -0.51 27.47 -5.22
CA ILE A 196 -0.70 27.30 -3.78
C ILE A 196 -1.36 25.96 -3.46
N GLY A 197 -0.72 25.20 -2.58
CA GLY A 197 -1.29 23.93 -2.13
C GLY A 197 -1.52 23.99 -0.63
N ILE A 198 -2.47 23.17 -0.16
CA ILE A 198 -2.81 23.14 1.25
C ILE A 198 -2.45 21.78 1.84
N LYS A 199 -1.79 21.78 3.00
CA LYS A 199 -1.39 20.55 3.66
C LYS A 199 -2.11 20.43 5.02
N PRO A 200 -3.15 19.57 5.08
CA PRO A 200 -3.84 19.37 6.36
C PRO A 200 -3.30 18.16 7.12
N CYS A 201 -3.31 18.24 8.43
CA CYS A 201 -2.97 17.09 9.26
C CYS A 201 -3.77 17.18 10.55
N SER A 202 -4.61 16.20 10.82
CA SER A 202 -5.51 16.27 11.98
C SER A 202 -5.18 15.28 13.08
N GLU A 203 -5.62 15.60 14.28
CA GLU A 203 -5.47 14.71 15.40
C GLU A 203 -6.17 13.40 15.11
N GLU A 204 -7.42 13.46 14.63
CA GLU A 204 -8.13 12.21 14.40
C GLU A 204 -7.47 11.41 13.27
N GLY A 205 -7.11 12.08 12.19
CA GLY A 205 -6.46 11.42 11.07
C GLY A 205 -5.17 10.75 11.49
N THR A 206 -4.37 11.46 12.27
CA THR A 206 -3.09 10.94 12.71
C THR A 206 -3.28 9.76 13.64
N LYS A 207 -4.26 9.87 14.54
CA LYS A 207 -4.38 8.84 15.56
C LYS A 207 -4.95 7.53 15.04
N ARG A 208 -5.88 7.58 14.10
CA ARG A 208 -6.40 6.32 13.57
C ARG A 208 -5.28 5.60 12.82
N LEU A 209 -4.40 6.37 12.18
CA LEU A 209 -3.28 5.76 11.47
C LEU A 209 -2.30 5.15 12.46
N VAL A 210 -1.93 5.90 13.48
CA VAL A 210 -0.94 5.42 14.45
C VAL A 210 -1.50 4.26 15.30
N ARG A 211 -2.79 4.34 15.64
CA ARG A 211 -3.47 3.28 16.38
C ARG A 211 -3.34 1.95 15.61
N ALA A 212 -3.66 1.98 14.33
CA ALA A 212 -3.46 0.80 13.47
C ALA A 212 -2.01 0.28 13.46
N ALA A 213 -1.04 1.20 13.44
CA ALA A 213 0.36 0.78 13.35
C ALA A 213 0.77 0.05 14.63
N ILE A 214 0.36 0.59 15.77
CA ILE A 214 0.64 -0.04 17.04
C ILE A 214 -0.10 -1.37 17.21
N GLU A 215 -1.39 -1.41 16.87
CA GLU A 215 -2.12 -2.68 16.94
C GLU A 215 -1.42 -3.73 16.08
N TYR A 216 -0.86 -3.31 14.96
CA TYR A 216 -0.21 -4.24 14.07
C TYR A 216 1.10 -4.75 14.69
N ALA A 217 1.83 -3.86 15.36
CA ALA A 217 3.06 -4.26 16.03
C ALA A 217 2.74 -5.27 17.14
N ILE A 218 1.62 -5.06 17.83
CA ILE A 218 1.21 -5.95 18.89
C ILE A 218 0.79 -7.30 18.32
N ALA A 219 -0.09 -7.26 17.31
CA ALA A 219 -0.64 -8.48 16.74
C ALA A 219 0.45 -9.35 16.13
N ASN A 220 1.51 -8.73 15.61
CA ASN A 220 2.58 -9.45 14.91
C ASN A 220 3.91 -9.50 15.67
N ASP A 221 3.88 -9.15 16.95
CA ASP A 221 5.06 -9.21 17.82
C ASP A 221 6.27 -8.52 17.19
N ARG A 222 6.08 -7.30 16.69
CA ARG A 222 7.17 -6.52 16.09
C ARG A 222 7.92 -5.75 17.16
N ASP A 223 9.12 -5.31 16.83
CA ASP A 223 10.02 -4.75 17.84
C ASP A 223 9.82 -3.28 18.13
N SER A 224 9.32 -2.52 17.16
CA SER A 224 9.18 -1.07 17.36
C SER A 224 8.31 -0.39 16.32
N VAL A 225 7.83 0.78 16.68
CA VAL A 225 7.11 1.66 15.78
C VAL A 225 7.85 2.99 15.73
N THR A 226 8.27 3.39 14.53
CA THR A 226 8.98 4.65 14.34
C THR A 226 8.10 5.69 13.65
N LEU A 227 7.88 6.82 14.32
CA LEU A 227 7.16 7.93 13.73
C LEU A 227 8.14 8.71 12.87
N VAL A 228 7.88 8.78 11.57
CA VAL A 228 8.79 9.47 10.66
C VAL A 228 8.08 10.73 10.15
N HIS A 229 8.78 11.84 10.21
CA HIS A 229 8.15 13.14 10.07
C HIS A 229 9.20 14.21 9.79
N LYS A 230 8.77 15.32 9.19
CA LYS A 230 9.67 16.44 9.01
C LYS A 230 9.24 17.60 9.94
N GLY A 231 9.14 17.27 11.23
CA GLY A 231 8.56 18.15 12.22
C GLY A 231 9.35 19.39 12.60
N ASN A 232 10.68 19.37 12.38
CA ASN A 232 11.49 20.54 12.75
C ASN A 232 11.28 21.73 11.80
N ILE A 233 10.68 21.47 10.63
CA ILE A 233 10.42 22.51 9.65
C ILE A 233 8.91 22.76 9.54
N MET A 234 8.12 21.69 9.48
CA MET A 234 6.65 21.81 9.50
C MET A 234 6.10 21.39 10.87
N LYS A 235 6.07 22.34 11.80
CA LYS A 235 5.80 22.03 13.20
C LYS A 235 4.36 21.62 13.43
N PHE A 236 3.44 22.25 12.71
CA PHE A 236 2.02 22.10 13.01
C PHE A 236 1.33 21.01 12.19
N THR A 237 2.05 20.43 11.25
CA THR A 237 1.53 19.30 10.49
C THR A 237 2.37 18.06 10.82
N GLU A 238 3.58 18.03 10.28
CA GLU A 238 4.51 16.95 10.55
C GLU A 238 4.82 16.80 12.04
N GLY A 239 5.15 17.92 12.70
CA GLY A 239 5.47 17.88 14.13
C GLY A 239 4.27 17.43 14.96
N ALA A 240 3.08 17.90 14.59
CA ALA A 240 1.88 17.52 15.31
C ALA A 240 1.62 16.02 15.13
N PHE A 241 1.96 15.49 13.96
CA PHE A 241 1.77 14.07 13.71
C PHE A 241 2.64 13.26 14.67
N LYS A 242 3.89 13.66 14.81
CA LYS A 242 4.78 13.01 15.76
C LYS A 242 4.23 13.13 17.19
N ASP A 243 3.81 14.32 17.59
CA ASP A 243 3.33 14.53 18.97
C ASP A 243 2.06 13.72 19.24
N TRP A 244 1.12 13.75 18.31
CA TRP A 244 -0.11 12.98 18.45
C TRP A 244 0.20 11.50 18.51
N GLY A 245 1.21 11.08 17.76
CA GLY A 245 1.57 9.68 17.72
C GLY A 245 2.06 9.21 19.06
N TYR A 246 2.97 9.98 19.64
CA TYR A 246 3.50 9.66 20.96
C TYR A 246 2.37 9.71 21.98
N GLN A 247 1.52 10.72 21.86
CA GLN A 247 0.43 10.88 22.80
C GLN A 247 -0.52 9.69 22.75
N LEU A 248 -0.90 9.30 21.54
CA LEU A 248 -1.75 8.12 21.40
C LEU A 248 -1.14 6.93 22.11
N ALA A 249 0.18 6.75 21.93
CA ALA A 249 0.86 5.63 22.57
C ALA A 249 0.73 5.70 24.09
N ARG A 250 0.86 6.91 24.65
CA ARG A 250 0.73 7.08 26.09
C ARG A 250 -0.70 6.85 26.55
N GLU A 251 -1.66 7.41 25.81
CA GLU A 251 -3.07 7.39 26.23
C GLU A 251 -3.79 6.05 26.04
N GLU A 252 -3.43 5.29 25.01
CA GLU A 252 -4.20 4.09 24.71
C GLU A 252 -3.42 2.80 24.90
N PHE A 253 -2.11 2.88 25.05
CA PHE A 253 -1.28 1.68 25.06
C PHE A 253 -0.27 1.63 26.23
N GLY A 254 -0.45 2.54 27.19
CA GLY A 254 0.36 2.56 28.40
C GLY A 254 1.82 2.88 28.11
N GLY A 255 2.05 3.66 27.05
CA GLY A 255 3.40 4.03 26.68
C GLY A 255 4.10 4.77 27.81
N GLU A 256 5.32 4.37 28.12
CA GLU A 256 6.04 5.12 29.14
C GLU A 256 7.47 5.45 28.77
N LEU A 257 7.96 6.53 29.37
CA LEU A 257 9.24 7.11 29.03
C LEU A 257 10.36 6.08 29.10
N ILE A 258 11.22 6.06 28.08
CA ILE A 258 12.47 5.30 28.17
C ILE A 258 13.59 6.28 28.54
N ASP A 259 14.25 6.03 29.67
CA ASP A 259 15.28 6.95 30.17
C ASP A 259 14.77 8.37 30.20
N GLY A 260 15.48 9.26 29.51
CA GLY A 260 15.08 10.66 29.52
C GLY A 260 14.09 10.98 28.43
N GLY A 261 13.59 9.94 27.74
CA GLY A 261 12.80 10.14 26.54
C GLY A 261 13.68 10.64 25.40
N PRO A 262 13.07 10.96 24.24
CA PRO A 262 11.63 11.00 24.04
C PRO A 262 11.01 9.64 23.68
N TRP A 263 11.81 8.59 23.52
CA TRP A 263 11.22 7.31 23.14
C TRP A 263 10.40 6.73 24.27
N LEU A 264 9.43 5.88 23.92
CA LEU A 264 8.54 5.25 24.87
C LEU A 264 8.64 3.75 24.72
N LYS A 265 8.25 3.03 25.77
CA LYS A 265 8.07 1.61 25.64
C LYS A 265 6.60 1.27 25.82
N VAL A 266 6.11 0.39 24.95
CA VAL A 266 4.75 -0.10 25.05
C VAL A 266 4.83 -1.60 25.26
N LYS A 267 4.15 -2.10 26.30
CA LYS A 267 4.22 -3.53 26.58
C LYS A 267 3.26 -4.29 25.69
N ASN A 268 3.76 -5.29 24.98
CA ASN A 268 2.87 -6.16 24.23
C ASN A 268 2.02 -6.98 25.20
N PRO A 269 0.70 -6.74 25.22
CA PRO A 269 -0.21 -7.36 26.19
C PRO A 269 -0.37 -8.87 25.94
N ASN A 270 0.19 -9.39 24.86
CA ASN A 270 0.08 -10.81 24.58
C ASN A 270 1.39 -11.54 24.85
N THR A 271 2.50 -10.89 24.55
CA THR A 271 3.80 -11.55 24.66
C THR A 271 4.65 -10.92 25.74
N GLY A 272 4.20 -9.80 26.29
CA GLY A 272 4.97 -9.07 27.27
C GLY A 272 6.23 -8.40 26.71
N LYS A 273 6.49 -8.59 25.41
CA LYS A 273 7.60 -7.88 24.77
C LYS A 273 7.46 -6.36 24.90
N GLU A 274 8.58 -5.68 25.04
CA GLU A 274 8.59 -4.23 25.05
CA GLU A 274 8.63 -4.21 25.04
C GLU A 274 8.68 -3.72 23.61
N ILE A 275 7.67 -2.99 23.18
CA ILE A 275 7.70 -2.39 21.85
C ILE A 275 8.19 -0.95 21.99
N VAL A 276 9.24 -0.60 21.25
CA VAL A 276 9.77 0.76 21.33
C VAL A 276 8.98 1.66 20.37
N ILE A 277 8.53 2.79 20.89
CA ILE A 277 7.94 3.85 20.07
C ILE A 277 8.97 4.97 19.98
N LYS A 278 9.45 5.26 18.78
CA LYS A 278 10.46 6.30 18.61
C LYS A 278 10.14 7.16 17.41
N ASP A 279 11.03 8.10 17.08
CA ASP A 279 10.80 8.97 15.92
C ASP A 279 12.11 9.38 15.28
N VAL A 280 12.06 9.62 13.97
CA VAL A 280 13.20 10.02 13.18
C VAL A 280 12.76 11.08 12.15
N ILE A 281 13.52 12.17 12.02
CA ILE A 281 13.25 13.16 10.98
C ILE A 281 13.37 12.49 9.61
N ALA A 282 12.47 12.84 8.70
CA ALA A 282 12.32 12.12 7.43
C ALA A 282 13.58 12.07 6.55
N ASP A 283 14.31 13.18 6.49
CA ASP A 283 15.52 13.20 5.65
C ASP A 283 16.61 12.27 6.20
N ALA A 284 16.80 12.31 7.51
CA ALA A 284 17.72 11.38 8.16
C ALA A 284 17.25 9.95 7.99
N PHE A 285 15.93 9.78 7.97
CA PHE A 285 15.40 8.44 7.90
C PHE A 285 15.75 7.78 6.56
N LEU A 286 15.74 8.58 5.49
CA LEU A 286 16.12 8.08 4.17
C LEU A 286 17.60 7.69 4.15
N GLN A 287 18.37 8.22 5.10
CA GLN A 287 19.75 7.80 5.25
C GLN A 287 19.81 6.53 6.11
N GLN A 288 19.09 6.54 7.22
CA GLN A 288 19.13 5.45 8.19
C GLN A 288 18.64 4.12 7.61
N ILE A 289 17.71 4.17 6.66
CA ILE A 289 17.24 2.91 6.08
C ILE A 289 18.34 2.23 5.26
N LEU A 290 19.30 3.01 4.75
CA LEU A 290 20.44 2.44 4.06
C LEU A 290 21.54 1.99 5.03
N LEU A 291 21.79 2.80 6.06
CA LEU A 291 22.95 2.65 6.92
C LEU A 291 22.72 1.77 8.16
N ARG A 292 21.46 1.70 8.60
CA ARG A 292 21.09 0.95 9.80
C ARG A 292 19.68 0.38 9.65
N PRO A 293 19.43 -0.30 8.53
CA PRO A 293 18.07 -0.82 8.26
C PRO A 293 17.55 -1.72 9.38
N ALA A 294 18.45 -2.42 10.07
CA ALA A 294 18.03 -3.41 11.07
C ALA A 294 17.41 -2.78 12.32
N GLU A 295 17.59 -1.48 12.52
CA GLU A 295 17.05 -0.82 13.70
CA GLU A 295 17.05 -0.82 13.70
C GLU A 295 15.57 -0.45 13.51
N TYR A 296 15.04 -0.71 12.33
CA TYR A 296 13.70 -0.27 12.01
C TYR A 296 12.76 -1.42 11.68
N ASP A 297 11.51 -1.25 12.09
CA ASP A 297 10.54 -2.31 12.00
C ASP A 297 9.22 -1.75 11.41
N VAL A 298 8.26 -1.44 12.26
CA VAL A 298 7.04 -0.78 11.83
C VAL A 298 7.28 0.72 11.77
N ILE A 299 6.80 1.33 10.68
CA ILE A 299 6.96 2.76 10.44
C ILE A 299 5.57 3.38 10.35
N ALA A 300 5.36 4.52 11.02
CA ALA A 300 4.12 5.27 10.87
C ALA A 300 4.45 6.69 10.40
N CYS A 301 3.81 7.14 9.32
CA CYS A 301 4.17 8.41 8.73
C CYS A 301 3.05 8.98 7.87
N MET A 302 3.20 10.24 7.46
CA MET A 302 2.17 10.90 6.68
C MET A 302 2.19 10.47 5.21
N ASN A 303 1.21 10.95 4.46
CA ASN A 303 0.93 10.47 3.10
C ASN A 303 2.14 10.56 2.15
N LEU A 304 2.68 11.76 1.99
CA LEU A 304 3.73 11.99 1.02
C LEU A 304 5.00 11.27 1.43
N ASN A 305 5.38 11.41 2.69
CA ASN A 305 6.57 10.73 3.19
C ASN A 305 6.46 9.21 3.00
N GLY A 306 5.26 8.68 3.21
CA GLY A 306 5.05 7.24 3.11
C GLY A 306 5.26 6.79 1.68
N ASP A 307 4.80 7.63 0.76
CA ASP A 307 4.99 7.38 -0.66
C ASP A 307 6.49 7.22 -0.95
N TYR A 308 7.28 8.20 -0.51
CA TYR A 308 8.71 8.20 -0.77
C TYR A 308 9.43 7.01 -0.12
N ILE A 309 9.15 6.82 1.17
CA ILE A 309 9.78 5.77 1.97
C ILE A 309 9.51 4.38 1.39
N SER A 310 8.24 4.07 1.13
CA SER A 310 7.88 2.79 0.53
C SER A 310 8.64 2.52 -0.75
N ASP A 311 8.72 3.52 -1.63
CA ASP A 311 9.42 3.35 -2.90
C ASP A 311 10.92 3.20 -2.70
N ALA A 312 11.48 4.00 -1.80
CA ALA A 312 12.91 3.93 -1.53
C ALA A 312 13.26 2.55 -0.97
N LEU A 313 12.47 2.06 -0.02
CA LEU A 313 12.71 0.73 0.53
C LEU A 313 12.59 -0.35 -0.53
N ALA A 314 11.54 -0.29 -1.35
CA ALA A 314 11.33 -1.32 -2.37
C ALA A 314 12.53 -1.42 -3.30
N ALA A 315 13.10 -0.28 -3.68
CA ALA A 315 14.23 -0.28 -4.60
C ALA A 315 15.45 -0.92 -3.96
N GLN A 316 15.64 -0.63 -2.67
CA GLN A 316 16.85 -1.11 -2.01
CA GLN A 316 16.81 -1.11 -1.94
C GLN A 316 16.91 -2.65 -1.90
N VAL A 317 15.76 -3.30 -1.75
CA VAL A 317 15.75 -4.76 -1.67
C VAL A 317 15.53 -5.42 -3.01
N GLY A 318 15.72 -4.69 -4.10
CA GLY A 318 15.51 -5.23 -5.43
C GLY A 318 14.05 -5.53 -5.72
N GLY A 319 13.15 -4.93 -4.95
CA GLY A 319 11.73 -5.23 -5.03
C GLY A 319 10.87 -4.20 -5.74
N ILE A 320 11.48 -3.38 -6.58
CA ILE A 320 10.72 -2.35 -7.29
C ILE A 320 9.48 -2.92 -8.02
N GLY A 321 9.59 -4.16 -8.51
CA GLY A 321 8.52 -4.78 -9.29
C GLY A 321 7.74 -5.84 -8.53
N ILE A 322 8.12 -6.08 -7.29
CA ILE A 322 7.41 -7.10 -6.50
C ILE A 322 6.96 -6.56 -5.14
N ALA A 323 6.72 -5.25 -5.07
CA ALA A 323 6.33 -4.64 -3.80
C ALA A 323 4.81 -4.74 -3.63
N PRO A 324 4.38 -5.47 -2.60
CA PRO A 324 2.95 -5.61 -2.32
C PRO A 324 2.41 -4.34 -1.65
N GLY A 325 1.10 -4.12 -1.72
CA GLY A 325 0.49 -3.01 -1.02
C GLY A 325 -0.99 -3.20 -0.77
N ALA A 326 -1.47 -2.64 0.34
CA ALA A 326 -2.89 -2.64 0.66
C ALA A 326 -3.39 -1.23 1.01
N ASN A 327 -4.67 -0.99 0.74
CA ASN A 327 -5.36 0.19 1.25
C ASN A 327 -6.51 -0.26 2.14
N ILE A 328 -6.42 0.08 3.42
CA ILE A 328 -7.32 -0.49 4.41
C ILE A 328 -8.07 0.58 5.17
N GLY A 329 -9.39 0.42 5.23
CA GLY A 329 -10.23 1.30 6.03
C GLY A 329 -11.04 0.47 7.02
N ASP A 330 -11.99 1.09 7.71
CA ASP A 330 -12.76 0.38 8.72
C ASP A 330 -13.84 -0.50 8.09
N GLU A 331 -14.26 -0.20 6.87
CA GLU A 331 -15.38 -0.93 6.27
C GLU A 331 -14.99 -1.86 5.12
N CYS A 332 -13.85 -1.59 4.50
CA CYS A 332 -13.38 -2.44 3.42
C CYS A 332 -11.89 -2.25 3.18
N ALA A 333 -11.37 -2.97 2.21
CA ALA A 333 -9.94 -3.00 1.95
C ALA A 333 -9.71 -3.30 0.46
N LEU A 334 -8.72 -2.65 -0.11
CA LEU A 334 -8.45 -2.75 -1.53
C LEU A 334 -6.95 -2.97 -1.71
N PHE A 335 -6.58 -4.17 -2.13
CA PHE A 335 -5.17 -4.52 -2.33
C PHE A 335 -4.74 -4.19 -3.78
N GLU A 336 -3.46 -3.89 -4.02
CA GLU A 336 -3.09 -3.33 -5.32
C GLU A 336 -1.69 -3.66 -5.79
N ALA A 337 -1.54 -3.83 -7.10
CA ALA A 337 -0.21 -3.73 -7.68
C ALA A 337 0.27 -2.31 -7.45
N THR A 338 1.53 -2.17 -7.04
CA THR A 338 2.07 -0.87 -6.64
C THR A 338 2.91 -0.20 -7.72
N HIS A 339 3.21 -0.94 -8.79
CA HIS A 339 3.94 -0.38 -9.92
C HIS A 339 2.96 0.29 -10.90
N GLY A 340 3.50 0.86 -11.96
CA GLY A 340 2.71 1.52 -12.98
C GLY A 340 2.21 0.58 -14.07
N THR A 341 1.55 1.16 -15.07
CA THR A 341 0.89 0.40 -16.14
C THR A 341 1.84 -0.08 -17.23
N ALA A 342 3.06 0.45 -17.23
CA ALA A 342 4.10 0.13 -18.21
C ALA A 342 3.56 -0.31 -19.58
N PRO A 343 2.87 0.60 -20.28
CA PRO A 343 2.20 0.31 -21.55
C PRO A 343 3.12 -0.29 -22.62
N LYS A 344 4.41 0.01 -22.56
CA LYS A 344 5.32 -0.49 -23.57
C LYS A 344 5.39 -2.02 -23.63
N TYR A 345 5.14 -2.68 -22.51
CA TYR A 345 5.23 -4.14 -22.47
C TYR A 345 3.86 -4.81 -22.41
N ALA A 346 2.80 -4.00 -22.34
CA ALA A 346 1.46 -4.54 -22.16
C ALA A 346 1.11 -5.61 -23.19
N GLY A 347 0.69 -6.78 -22.71
CA GLY A 347 0.22 -7.83 -23.58
C GLY A 347 1.31 -8.79 -24.04
N GLN A 348 2.54 -8.50 -23.65
CA GLN A 348 3.67 -9.33 -24.05
C GLN A 348 3.96 -10.48 -23.09
N ASP A 349 3.13 -10.63 -22.06
CA ASP A 349 3.35 -11.67 -21.08
C ASP A 349 4.80 -11.64 -20.60
N LYS A 350 5.30 -10.44 -20.32
CA LYS A 350 6.72 -10.27 -20.05
C LYS A 350 7.05 -9.80 -18.62
N VAL A 351 6.25 -8.90 -18.08
CA VAL A 351 6.59 -8.26 -16.82
C VAL A 351 6.43 -9.15 -15.58
N ASN A 352 6.90 -8.62 -14.46
CA ASN A 352 6.87 -9.34 -13.20
C ASN A 352 5.50 -9.18 -12.54
N PRO A 353 4.79 -10.31 -12.34
CA PRO A 353 3.48 -10.33 -11.67
C PRO A 353 3.63 -10.39 -10.15
N GLY A 354 4.87 -10.40 -9.68
CA GLY A 354 5.18 -10.48 -8.26
C GLY A 354 4.47 -9.47 -7.36
N SER A 355 4.46 -8.20 -7.75
CA SER A 355 3.80 -7.18 -6.91
C SER A 355 2.34 -7.56 -6.64
N ILE A 356 1.56 -7.78 -7.69
CA ILE A 356 0.13 -8.03 -7.49
C ILE A 356 -0.09 -9.38 -6.81
N ILE A 357 0.76 -10.36 -7.12
CA ILE A 357 0.70 -11.64 -6.44
C ILE A 357 0.94 -11.48 -4.93
N LEU A 358 1.95 -10.71 -4.54
CA LEU A 358 2.19 -10.52 -3.12
C LEU A 358 1.10 -9.64 -2.44
N SER A 359 0.48 -8.75 -3.20
CA SER A 359 -0.66 -8.02 -2.65
C SER A 359 -1.79 -9.00 -2.43
N ALA A 360 -1.92 -9.98 -3.33
CA ALA A 360 -2.93 -11.03 -3.14
C ALA A 360 -2.61 -11.87 -1.91
N GLU A 361 -1.32 -12.08 -1.64
CA GLU A 361 -0.92 -12.75 -0.41
C GLU A 361 -1.43 -11.96 0.79
N MET A 362 -1.27 -10.63 0.75
CA MET A 362 -1.73 -9.80 1.86
C MET A 362 -3.25 -9.90 1.97
N MET A 363 -3.94 -9.87 0.83
CA MET A 363 -5.39 -10.08 0.81
C MET A 363 -5.83 -11.40 1.49
N LEU A 364 -5.22 -12.51 1.09
CA LEU A 364 -5.54 -13.80 1.69
C LEU A 364 -5.33 -13.76 3.19
N ARG A 365 -4.22 -13.14 3.61
CA ARG A 365 -3.92 -13.06 5.04
C ARG A 365 -4.96 -12.17 5.75
N HIS A 366 -5.32 -11.06 5.12
CA HIS A 366 -6.35 -10.16 5.64
C HIS A 366 -7.68 -10.91 5.85
N MET A 367 -7.92 -11.90 5.00
CA MET A 367 -9.15 -12.71 5.04
C MET A 367 -9.10 -13.83 6.07
N GLY A 368 -7.96 -14.00 6.74
CA GLY A 368 -7.77 -15.10 7.67
C GLY A 368 -7.37 -16.43 7.02
N TRP A 369 -7.11 -16.40 5.72
CA TRP A 369 -6.69 -17.60 5.00
C TRP A 369 -5.18 -17.67 4.99
N THR A 370 -4.61 -17.74 6.19
CA THR A 370 -3.16 -17.67 6.35
C THR A 370 -2.44 -18.83 5.69
N GLU A 371 -3.07 -20.01 5.70
CA GLU A 371 -2.42 -21.17 5.10
C GLU A 371 -2.15 -20.94 3.62
N ALA A 372 -3.14 -20.43 2.89
CA ALA A 372 -2.97 -20.12 1.47
C ALA A 372 -1.95 -18.99 1.27
N ALA A 373 -2.00 -17.99 2.15
CA ALA A 373 -1.04 -16.90 2.05
C ALA A 373 0.39 -17.44 2.21
N ASP A 374 0.58 -18.30 3.20
CA ASP A 374 1.89 -18.91 3.43
C ASP A 374 2.42 -19.68 2.22
N LEU A 375 1.51 -20.29 1.44
CA LEU A 375 1.90 -21.05 0.27
C LEU A 375 2.41 -20.13 -0.85
N ILE A 376 1.79 -18.96 -0.99
CA ILE A 376 2.30 -17.96 -1.92
C ILE A 376 3.70 -17.46 -1.51
N VAL A 377 3.88 -17.15 -0.23
CA VAL A 377 5.20 -16.70 0.21
C VAL A 377 6.20 -17.79 -0.12
N LYS A 378 5.81 -19.02 0.19
CA LYS A 378 6.68 -20.17 -0.03
C LYS A 378 7.01 -20.34 -1.51
N GLY A 379 6.00 -20.20 -2.36
CA GLY A 379 6.19 -20.35 -3.79
C GLY A 379 7.12 -19.27 -4.33
N MET A 380 6.87 -18.03 -3.88
CA MET A 380 7.64 -16.91 -4.34
C MET A 380 9.09 -17.11 -3.93
N GLU A 381 9.31 -17.50 -2.68
CA GLU A 381 10.67 -17.73 -2.21
C GLU A 381 11.37 -18.83 -3.04
N GLY A 382 10.65 -19.90 -3.36
CA GLY A 382 11.23 -20.98 -4.11
C GLY A 382 11.59 -20.60 -5.54
N ALA A 383 10.63 -19.97 -6.23
CA ALA A 383 10.86 -19.57 -7.61
C ALA A 383 12.05 -18.60 -7.69
N ILE A 384 12.10 -17.61 -6.80
CA ILE A 384 13.22 -16.68 -6.85
C ILE A 384 14.55 -17.38 -6.54
N ASN A 385 14.59 -18.16 -5.47
CA ASN A 385 15.80 -18.89 -5.15
CA ASN A 385 15.77 -18.96 -5.12
C ASN A 385 16.22 -19.85 -6.27
N ALA A 386 15.26 -20.30 -7.08
CA ALA A 386 15.54 -21.21 -8.18
C ALA A 386 16.13 -20.48 -9.37
N LYS A 387 16.20 -19.15 -9.26
CA LYS A 387 16.61 -18.30 -10.38
C LYS A 387 15.76 -18.51 -11.62
N THR A 388 14.49 -18.88 -11.40
CA THR A 388 13.54 -18.99 -12.51
C THR A 388 12.65 -17.75 -12.47
N VAL A 389 13.01 -16.74 -13.27
CA VAL A 389 12.51 -15.39 -13.06
C VAL A 389 12.19 -14.61 -14.34
N THR A 390 11.43 -13.53 -14.19
CA THR A 390 11.09 -12.64 -15.31
C THR A 390 12.28 -11.72 -15.71
N TYR A 391 12.18 -11.08 -16.87
CA TYR A 391 13.32 -10.37 -17.45
C TYR A 391 13.94 -9.37 -16.48
N ASP A 392 13.09 -8.70 -15.70
CA ASP A 392 13.56 -7.62 -14.84
C ASP A 392 14.51 -8.13 -13.77
N PHE A 393 14.33 -9.38 -13.34
CA PHE A 393 15.31 -9.99 -12.43
C PHE A 393 16.48 -10.56 -13.22
N GLU A 394 16.13 -11.26 -14.30
CA GLU A 394 17.09 -12.07 -15.04
C GLU A 394 18.22 -11.21 -15.61
N ARG A 395 17.87 -10.04 -16.13
CA ARG A 395 18.87 -9.17 -16.74
C ARG A 395 19.91 -8.71 -15.73
N LEU A 396 19.62 -8.88 -14.45
CA LEU A 396 20.54 -8.44 -13.41
C LEU A 396 21.31 -9.60 -12.78
N MET A 397 21.13 -10.80 -13.31
CA MET A 397 21.71 -11.99 -12.70
C MET A 397 22.46 -12.80 -13.72
N ASP A 398 23.37 -13.63 -13.22
CA ASP A 398 24.00 -14.64 -14.05
C ASP A 398 23.39 -16.01 -13.78
N GLY A 399 23.24 -16.79 -14.83
CA GLY A 399 22.76 -18.16 -14.71
C GLY A 399 21.32 -18.28 -14.28
N ALA A 400 20.50 -17.29 -14.63
CA ALA A 400 19.07 -17.37 -14.35
C ALA A 400 18.39 -17.98 -15.56
N LYS A 401 17.22 -18.58 -15.34
CA LYS A 401 16.40 -18.99 -16.46
C LYS A 401 15.29 -17.94 -16.67
N LEU A 402 15.20 -17.44 -17.90
CA LEU A 402 14.23 -16.42 -18.24
C LEU A 402 12.83 -16.96 -18.43
N LEU A 403 11.88 -16.47 -17.63
CA LEU A 403 10.50 -16.90 -17.72
C LEU A 403 9.61 -15.76 -18.17
N LYS A 404 8.58 -16.09 -18.94
CA LYS A 404 7.49 -15.16 -19.20
C LYS A 404 6.71 -14.87 -17.91
N CYS A 405 5.91 -13.80 -17.95
CA CYS A 405 5.05 -13.45 -16.84
C CYS A 405 4.22 -14.67 -16.37
N SER A 406 3.43 -15.22 -17.27
CA SER A 406 2.59 -16.38 -16.97
C SER A 406 3.41 -17.55 -16.46
N GLU A 407 4.59 -17.74 -17.04
CA GLU A 407 5.46 -18.84 -16.61
C GLU A 407 5.96 -18.64 -15.19
N PHE A 408 6.24 -17.39 -14.81
CA PHE A 408 6.67 -17.10 -13.45
C PHE A 408 5.53 -17.43 -12.48
N GLY A 409 4.30 -17.21 -12.92
CA GLY A 409 3.14 -17.56 -12.15
C GLY A 409 3.20 -19.05 -11.85
N ASP A 410 3.44 -19.86 -12.90
CA ASP A 410 3.55 -21.30 -12.75
C ASP A 410 4.69 -21.72 -11.82
N ALA A 411 5.83 -21.06 -11.97
CA ALA A 411 6.98 -21.36 -11.14
C ALA A 411 6.65 -21.17 -9.65
N ILE A 412 5.86 -20.14 -9.36
CA ILE A 412 5.42 -19.92 -7.98
C ILE A 412 4.60 -21.12 -7.49
N ILE A 413 3.60 -21.50 -8.30
CA ILE A 413 2.80 -22.68 -8.00
C ILE A 413 3.68 -23.92 -7.86
N GLU A 414 4.59 -24.14 -8.81
CA GLU A 414 5.53 -25.26 -8.76
C GLU A 414 6.29 -25.33 -7.43
N ASN A 415 6.53 -24.18 -6.79
CA ASN A 415 7.29 -24.14 -5.54
C ASN A 415 6.44 -24.12 -4.26
N MET A 416 5.14 -24.32 -4.41
CA MET A 416 4.22 -24.33 -3.27
C MET A 416 4.30 -25.63 -2.49
#